data_3CFC
#
_entry.id   3CFC
#
_cell.length_a   87.891
_cell.length_b   87.891
_cell.length_c   114.111
_cell.angle_alpha   90.00
_cell.angle_beta   90.00
_cell.angle_gamma   90.00
#
_symmetry.space_group_name_H-M   'P 42 21 2'
#
loop_
_entity.id
_entity.type
_entity.pdbx_description
1 polymer 'BLUE FLUORESCENT ANTIBODY EP2-19G2-IGG2B HEAVY CHAIN'
2 polymer 'BLUE FLUORESCENT ANTIBODY EP2-19G2-KAPPA LIGHT CHAIN'
3 non-polymer GLYCEROL
4 water water
#
loop_
_entity_poly.entity_id
_entity_poly.type
_entity_poly.pdbx_seq_one_letter_code
_entity_poly.pdbx_strand_id
1 'polypeptide(L)'
;EVKLVESGGGLVKPGGSLKLSCTASGITFSRYIMSWVRQIPEKRLEWVASISSGGITYYPDSVKGRFTISRDNVRNILYL
QMSSLRSEDTALYYCARGQGRPYWGQGTLVTVSSAKTTPPSVYPLAPGCGDTTGSSVTLGCLVKGYFPESVTVTWNSGSL
SSSVHTFPALLQSGLYTMSSSVTVPSSTWPSQTVTCSVAHPASSTTVDKKLEP
;
H
2 'polypeptide(L)'
;DIVMTQAAFSNPVTLGTSASISCRSTKSLLHSNGITYLYWYLQKPGQSPQLLIYQMSNLASGVPDRFSSSGSGTDFTLRI
SRVEAEDVGVYYCAQNLELPPTFGGGTKLEIKRADAAPTVSIFPPSSEQLTSGGASVVCFLNNFYPKDINVKWKIDGSER
QNGVLNSWTDQDSKDSTYSMSSTLTLTKDEYERHNSYTCEATHKTSTSPIVKSFNRNEC
;
L
#
loop_
_chem_comp.id
_chem_comp.type
_chem_comp.name
_chem_comp.formula
GOL non-polymer GLYCEROL 'C3 H8 O3'
#
# COMPACT_ATOMS: atom_id res chain seq x y z
N GLU A 1 24.77 -10.90 0.78
CA GLU A 1 23.36 -10.52 0.56
C GLU A 1 22.40 -11.72 0.67
N VAL A 2 21.17 -11.45 1.11
CA VAL A 2 20.16 -12.49 1.24
C VAL A 2 18.82 -11.91 0.80
N LYS A 3 18.25 -12.47 -0.25
CA LYS A 3 16.91 -12.04 -0.61
C LYS A 3 16.24 -13.10 -1.45
N LEU A 4 14.91 -13.08 -1.43
CA LEU A 4 14.11 -13.96 -2.21
C LEU A 4 13.43 -13.07 -3.25
N VAL A 5 13.30 -13.56 -4.48
CA VAL A 5 12.72 -12.79 -5.57
C VAL A 5 11.71 -13.61 -6.37
N GLU A 6 10.44 -13.22 -6.30
CA GLU A 6 9.39 -13.90 -7.01
C GLU A 6 9.23 -13.29 -8.40
N SER A 7 8.85 -14.14 -9.35
CA SER A 7 8.50 -13.65 -10.66
C SER A 7 7.44 -14.54 -11.27
N GLY A 8 6.87 -14.06 -12.35
CA GLY A 8 5.91 -14.83 -13.11
C GLY A 8 4.49 -14.30 -13.02
N GLY A 9 4.25 -13.33 -12.14
CA GLY A 9 2.93 -12.79 -11.99
C GLY A 9 2.48 -12.02 -13.23
N GLY A 10 1.17 -11.92 -13.40
CA GLY A 10 0.63 -11.16 -14.49
C GLY A 10 -0.86 -11.41 -14.57
N LEU A 11 -1.47 -11.08 -15.69
CA LEU A 11 -2.90 -11.27 -15.88
C LEU A 11 -3.10 -12.65 -16.46
N VAL A 12 -4.15 -13.35 -16.04
CA VAL A 12 -4.40 -14.72 -16.55
C VAL A 12 -5.89 -14.92 -16.52
N LYS A 13 -6.41 -15.55 -17.55
CA LYS A 13 -7.84 -15.75 -17.63
C LYS A 13 -8.27 -16.82 -16.63
N PRO A 14 -9.50 -16.68 -16.10
CA PRO A 14 -10.10 -17.75 -15.29
C PRO A 14 -9.99 -19.07 -16.00
N GLY A 15 -9.70 -20.11 -15.24
CA GLY A 15 -9.52 -21.43 -15.82
C GLY A 15 -8.11 -21.72 -16.33
N GLY A 16 -7.31 -20.67 -16.50
CA GLY A 16 -5.95 -20.84 -16.94
C GLY A 16 -4.95 -21.35 -15.90
N SER A 17 -3.73 -21.58 -16.40
N SER A 17 -3.72 -21.52 -16.36
CA SER A 17 -2.55 -21.94 -15.60
CA SER A 17 -2.59 -21.92 -15.51
C SER A 17 -1.56 -20.75 -15.59
C SER A 17 -1.43 -20.94 -15.67
N LEU A 18 -0.69 -20.75 -14.59
CA LEU A 18 0.39 -19.77 -14.51
C LEU A 18 1.39 -20.36 -13.54
N LYS A 19 2.68 -20.35 -13.91
CA LYS A 19 3.74 -20.82 -13.04
C LYS A 19 4.55 -19.65 -12.48
N LEU A 20 4.56 -19.50 -11.17
CA LEU A 20 5.43 -18.54 -10.48
C LEU A 20 6.77 -19.17 -10.19
N SER A 21 7.83 -18.37 -10.13
N SER A 21 7.84 -18.36 -10.19
CA SER A 21 9.12 -18.88 -9.73
CA SER A 21 9.18 -18.79 -9.83
C SER A 21 9.74 -17.93 -8.72
C SER A 21 9.66 -17.95 -8.64
N CYS A 22 10.62 -18.49 -7.91
CA CYS A 22 11.24 -17.80 -6.83
C CYS A 22 12.72 -18.18 -6.89
N THR A 23 13.59 -17.17 -6.88
CA THR A 23 15.03 -17.40 -6.86
C THR A 23 15.60 -16.68 -5.66
N ALA A 24 16.83 -16.99 -5.31
CA ALA A 24 17.42 -16.35 -4.16
C ALA A 24 18.86 -16.04 -4.34
N SER A 25 19.29 -15.01 -3.60
N SER A 25 19.28 -15.04 -3.58
CA SER A 25 20.69 -14.78 -3.29
CA SER A 25 20.66 -14.83 -3.27
C SER A 25 20.89 -15.23 -1.84
C SER A 25 20.79 -15.31 -1.84
N GLY A 26 21.64 -16.30 -1.64
CA GLY A 26 22.04 -16.68 -0.28
C GLY A 26 21.15 -17.59 0.53
N ILE A 27 20.17 -18.20 -0.12
CA ILE A 27 19.31 -19.21 0.47
C ILE A 27 19.26 -20.39 -0.49
N THR A 28 19.61 -21.56 0.03
CA THR A 28 19.66 -22.79 -0.72
C THR A 28 18.39 -23.58 -0.43
N PHE A 29 17.46 -23.50 -1.36
CA PHE A 29 16.11 -23.98 -1.13
C PHE A 29 16.06 -25.42 -0.67
N SER A 30 16.94 -26.25 -1.19
CA SER A 30 16.91 -27.67 -0.84
C SER A 30 17.04 -27.94 0.62
N ARG A 31 17.61 -26.98 1.38
CA ARG A 31 17.87 -27.19 2.80
C ARG A 31 16.69 -26.90 3.76
N TYR A 32 15.63 -26.30 3.26
CA TYR A 32 14.58 -25.78 4.13
C TYR A 32 13.19 -26.18 3.67
N ILE A 33 12.25 -26.10 4.59
CA ILE A 33 10.86 -26.11 4.18
C ILE A 33 10.66 -24.77 3.48
N MET A 34 10.28 -24.83 2.20
CA MET A 34 9.98 -23.58 1.47
C MET A 34 8.49 -23.44 1.23
N SER A 35 7.97 -22.22 1.23
CA SER A 35 6.49 -21.99 1.12
C SER A 35 6.13 -20.90 0.14
N TRP A 36 4.85 -20.92 -0.23
CA TRP A 36 4.23 -19.79 -0.91
C TRP A 36 3.11 -19.36 0.00
N VAL A 37 2.97 -18.04 0.11
CA VAL A 37 1.88 -17.38 0.87
C VAL A 37 1.28 -16.28 -0.06
N ARG A 38 0.06 -15.84 0.20
CA ARG A 38 -0.52 -14.78 -0.62
C ARG A 38 -1.30 -13.79 0.23
N GLN A 39 -1.34 -12.55 -0.23
CA GLN A 39 -1.96 -11.45 0.50
C GLN A 39 -3.02 -10.86 -0.42
N ILE A 40 -4.26 -10.83 0.08
CA ILE A 40 -5.38 -10.16 -0.56
C ILE A 40 -5.73 -8.93 0.28
N PRO A 41 -6.17 -7.81 -0.34
CA PRO A 41 -6.50 -6.61 0.45
C PRO A 41 -7.37 -6.90 1.66
N GLU A 42 -6.96 -6.36 2.80
CA GLU A 42 -7.70 -6.42 4.06
C GLU A 42 -8.02 -7.81 4.55
N LYS A 43 -7.63 -8.83 3.78
CA LYS A 43 -7.75 -10.20 4.27
C LYS A 43 -6.41 -10.51 4.87
N ARG A 44 -6.38 -11.44 5.80
CA ARG A 44 -5.12 -11.77 6.43
C ARG A 44 -4.35 -12.69 5.48
N LEU A 45 -3.02 -12.59 5.58
CA LEU A 45 -2.08 -13.47 4.83
C LEU A 45 -2.52 -14.89 4.90
N GLU A 46 -2.38 -15.57 3.77
CA GLU A 46 -2.92 -16.89 3.61
C GLU A 46 -1.78 -17.79 3.14
N TRP A 47 -1.54 -18.89 3.85
CA TRP A 47 -0.58 -19.88 3.41
C TRP A 47 -1.17 -20.60 2.20
N VAL A 48 -0.33 -20.85 1.19
CA VAL A 48 -0.74 -21.47 -0.08
C VAL A 48 -0.12 -22.87 -0.28
N ALA A 49 1.14 -23.08 0.09
CA ALA A 49 1.81 -24.35 -0.15
C ALA A 49 3.13 -24.41 0.59
N SER A 50 3.53 -25.60 0.99
CA SER A 50 4.91 -25.85 1.44
C SER A 50 5.53 -27.13 0.85
N ILE A 51 6.85 -27.13 0.74
CA ILE A 51 7.60 -28.32 0.38
C ILE A 51 8.76 -28.50 1.33
N SER A 52 8.89 -29.66 1.94
CA SER A 52 9.87 -29.84 2.93
C SER A 52 11.22 -30.09 2.25
N SER A 53 12.30 -30.11 3.02
N SER A 53 12.29 -30.11 3.03
CA SER A 53 13.62 -30.37 2.43
CA SER A 53 13.62 -30.38 2.49
C SER A 53 13.60 -31.75 1.74
C SER A 53 13.63 -31.74 1.78
N GLY A 54 12.91 -32.71 2.34
CA GLY A 54 12.78 -34.05 1.73
C GLY A 54 11.76 -34.21 0.62
N GLY A 55 11.11 -33.11 0.25
CA GLY A 55 10.14 -33.10 -0.86
C GLY A 55 8.68 -33.43 -0.56
N ILE A 56 8.31 -33.43 0.70
CA ILE A 56 6.94 -33.68 1.11
C ILE A 56 6.18 -32.39 0.86
N THR A 57 5.04 -32.48 0.17
CA THR A 57 4.26 -31.31 -0.14
C THR A 57 2.96 -31.19 0.69
N TYR A 58 2.55 -29.94 0.91
CA TYR A 58 1.47 -29.60 1.82
C TYR A 58 0.66 -28.46 1.21
N TYR A 59 -0.68 -28.56 1.28
CA TYR A 59 -1.53 -27.52 0.71
C TYR A 59 -2.79 -27.37 1.56
N PRO A 60 -3.32 -26.13 1.63
CA PRO A 60 -4.60 -25.95 2.27
C PRO A 60 -5.74 -26.32 1.31
N ASP A 61 -6.96 -26.44 1.83
CA ASP A 61 -8.10 -26.84 0.96
C ASP A 61 -8.47 -25.87 -0.19
N SER A 62 -8.15 -24.61 -0.01
CA SER A 62 -8.48 -23.57 -0.97
C SER A 62 -7.79 -23.80 -2.30
N VAL A 63 -6.63 -24.47 -2.26
CA VAL A 63 -5.82 -24.70 -3.48
C VAL A 63 -5.45 -26.15 -3.80
N LYS A 64 -5.61 -27.04 -2.86
CA LYS A 64 -5.27 -28.41 -3.00
C LYS A 64 -6.01 -29.03 -4.19
N GLY A 65 -5.25 -29.75 -5.02
CA GLY A 65 -5.79 -30.31 -6.24
C GLY A 65 -5.64 -29.42 -7.44
N ARG A 66 -5.30 -28.14 -7.23
CA ARG A 66 -5.10 -27.19 -8.30
C ARG A 66 -3.67 -26.64 -8.36
N PHE A 67 -3.08 -26.31 -7.20
CA PHE A 67 -1.74 -25.71 -7.15
C PHE A 67 -0.75 -26.82 -6.83
N THR A 68 0.40 -26.77 -7.47
CA THR A 68 1.49 -27.67 -7.12
C THR A 68 2.82 -26.92 -6.89
N ILE A 69 3.47 -27.26 -5.78
CA ILE A 69 4.75 -26.62 -5.40
C ILE A 69 5.85 -27.62 -5.78
N SER A 70 6.96 -27.09 -6.30
CA SER A 70 8.08 -27.94 -6.73
C SER A 70 9.38 -27.13 -6.69
N ARG A 71 10.51 -27.82 -6.77
CA ARG A 71 11.80 -27.18 -6.56
C ARG A 71 12.82 -27.81 -7.51
N ASP A 72 13.67 -26.96 -8.09
CA ASP A 72 14.82 -27.38 -8.89
C ASP A 72 16.02 -27.18 -8.00
N ASN A 73 16.55 -28.27 -7.47
CA ASN A 73 17.66 -28.23 -6.54
C ASN A 73 18.96 -27.86 -7.23
N VAL A 74 19.07 -28.09 -8.52
CA VAL A 74 20.31 -27.77 -9.21
C VAL A 74 20.44 -26.28 -9.52
N ARG A 75 19.40 -25.69 -10.07
CA ARG A 75 19.35 -24.28 -10.41
C ARG A 75 18.92 -23.41 -9.21
N ASN A 76 18.42 -24.04 -8.16
CA ASN A 76 17.94 -23.32 -6.97
C ASN A 76 16.76 -22.42 -7.29
N ILE A 77 15.71 -23.02 -7.80
CA ILE A 77 14.49 -22.32 -8.14
C ILE A 77 13.26 -23.01 -7.53
N LEU A 78 12.39 -22.24 -6.90
CA LEU A 78 11.14 -22.76 -6.32
C LEU A 78 9.99 -22.36 -7.22
N TYR A 79 9.06 -23.27 -7.45
CA TYR A 79 7.94 -22.99 -8.34
C TYR A 79 6.59 -23.18 -7.64
N LEU A 80 5.61 -22.41 -8.11
CA LEU A 80 4.22 -22.67 -7.83
C LEU A 80 3.52 -22.76 -9.14
N GLN A 81 3.05 -23.96 -9.45
CA GLN A 81 2.22 -24.16 -10.66
C GLN A 81 0.76 -23.97 -10.28
N MET A 82 0.18 -22.86 -10.74
CA MET A 82 -1.20 -22.57 -10.50
C MET A 82 -1.97 -23.09 -11.71
N SER A 83 -2.99 -23.86 -11.43
N SER A 83 -3.02 -23.81 -11.43
CA SER A 83 -3.90 -24.34 -12.46
CA SER A 83 -3.89 -24.30 -12.47
C SER A 83 -5.35 -24.04 -12.09
C SER A 83 -5.36 -24.06 -12.08
N SER A 84 -6.21 -24.09 -13.09
CA SER A 84 -7.67 -23.80 -12.91
C SER A 84 -7.88 -22.55 -12.11
N LEU A 85 -7.21 -21.50 -12.54
CA LEU A 85 -7.30 -20.27 -11.76
C LEU A 85 -8.72 -19.71 -11.64
N ARG A 86 -8.97 -19.10 -10.48
CA ARG A 86 -10.25 -18.57 -10.06
C ARG A 86 -10.08 -17.10 -9.68
N SER A 87 -11.18 -16.36 -9.80
N SER A 87 -11.17 -16.34 -9.81
CA SER A 87 -11.17 -14.94 -9.48
CA SER A 87 -11.13 -14.93 -9.47
C SER A 87 -10.58 -14.71 -8.09
C SER A 87 -10.56 -14.71 -8.08
N GLU A 88 -10.95 -15.56 -7.14
CA GLU A 88 -10.46 -15.41 -5.75
C GLU A 88 -9.01 -15.75 -5.50
N ASP A 89 -8.32 -16.27 -6.51
CA ASP A 89 -6.88 -16.48 -6.42
C ASP A 89 -6.10 -15.18 -6.68
N THR A 90 -6.79 -14.13 -7.12
CA THR A 90 -6.14 -12.84 -7.33
C THR A 90 -5.53 -12.37 -6.01
N ALA A 91 -4.23 -12.10 -6.02
CA ALA A 91 -3.46 -11.75 -4.79
C ALA A 91 -2.02 -11.46 -5.14
N LEU A 92 -1.29 -10.92 -4.14
CA LEU A 92 0.15 -10.79 -4.16
C LEU A 92 0.71 -12.10 -3.61
N TYR A 93 1.55 -12.77 -4.37
CA TYR A 93 2.15 -14.07 -3.96
C TYR A 93 3.60 -13.89 -3.54
N TYR A 94 3.92 -14.46 -2.39
CA TYR A 94 5.27 -14.42 -1.85
C TYR A 94 5.82 -15.80 -1.68
N CYS A 95 7.10 -16.01 -2.03
N CYS A 95 7.13 -15.87 -1.87
CA CYS A 95 7.81 -17.19 -1.54
CA CYS A 95 8.01 -16.99 -1.60
C CYS A 95 8.43 -16.83 -0.19
C CYS A 95 8.61 -16.81 -0.22
N ALA A 96 8.65 -17.86 0.61
CA ALA A 96 9.06 -17.68 2.00
C ALA A 96 9.83 -18.86 2.50
N ARG A 97 10.89 -18.57 3.20
CA ARG A 97 11.64 -19.58 3.97
C ARG A 97 11.14 -19.36 5.37
N GLY A 98 10.21 -20.21 5.79
CA GLY A 98 9.39 -19.92 6.97
C GLY A 98 9.91 -20.30 8.34
N GLN A 99 10.85 -21.24 8.41
CA GLN A 99 11.42 -21.71 9.67
C GLN A 99 12.72 -20.95 9.96
N GLY A 100 13.23 -21.07 11.17
CA GLY A 100 14.38 -20.23 11.57
C GLY A 100 13.94 -18.78 11.53
N ARG A 101 14.83 -17.93 10.99
CA ARG A 101 14.56 -16.51 10.79
C ARG A 101 13.75 -16.44 9.52
N PRO A 102 12.44 -16.15 9.60
CA PRO A 102 11.71 -16.13 8.34
C PRO A 102 12.13 -15.07 7.32
N TYR A 103 12.13 -15.46 6.06
CA TYR A 103 12.40 -14.56 4.95
C TYR A 103 11.26 -14.65 3.97
N TRP A 104 10.93 -13.54 3.33
CA TRP A 104 10.07 -13.57 2.16
C TRP A 104 10.51 -12.54 1.12
N GLY A 105 10.02 -12.71 -0.10
CA GLY A 105 10.32 -11.75 -1.18
C GLY A 105 9.47 -10.50 -1.19
N GLN A 106 9.54 -9.78 -2.32
CA GLN A 106 8.83 -8.54 -2.56
C GLN A 106 7.40 -8.78 -3.05
N GLY A 107 7.20 -9.97 -3.58
CA GLY A 107 5.87 -10.39 -4.03
C GLY A 107 5.71 -10.27 -5.52
N THR A 108 4.82 -11.06 -6.09
CA THR A 108 4.44 -10.95 -7.49
C THR A 108 2.91 -11.02 -7.61
N LEU A 109 2.33 -10.08 -8.34
CA LEU A 109 0.86 -9.99 -8.38
C LEU A 109 0.30 -10.93 -9.46
N VAL A 110 -0.74 -11.69 -9.06
CA VAL A 110 -1.47 -12.55 -9.98
C VAL A 110 -2.90 -12.00 -10.01
N THR A 111 -3.33 -11.60 -11.20
CA THR A 111 -4.69 -11.04 -11.43
C THR A 111 -5.45 -11.95 -12.39
N VAL A 112 -6.47 -12.63 -11.87
CA VAL A 112 -7.27 -13.56 -12.64
C VAL A 112 -8.42 -12.76 -13.21
N SER A 113 -8.39 -12.57 -14.52
N SER A 113 -8.44 -12.59 -14.51
CA SER A 113 -9.26 -11.60 -15.19
CA SER A 113 -9.41 -11.67 -15.12
C SER A 113 -9.41 -11.93 -16.65
C SER A 113 -9.39 -11.89 -16.61
N SER A 114 -10.49 -11.47 -17.22
N SER A 114 -10.46 -11.49 -17.25
CA SER A 114 -10.66 -11.46 -18.67
CA SER A 114 -10.54 -11.49 -18.70
C SER A 114 -10.09 -10.19 -19.29
C SER A 114 -10.24 -10.13 -19.30
N ALA A 115 -9.87 -9.16 -18.46
CA ALA A 115 -9.41 -7.88 -18.94
C ALA A 115 -7.96 -7.91 -19.42
N LYS A 116 -7.58 -6.88 -20.18
CA LYS A 116 -6.20 -6.72 -20.64
C LYS A 116 -5.54 -5.60 -19.86
N THR A 117 -4.23 -5.48 -19.97
CA THR A 117 -3.56 -4.37 -19.27
C THR A 117 -3.87 -3.07 -19.99
N THR A 118 -3.94 -1.97 -19.22
CA THR A 118 -4.18 -0.64 -19.75
C THR A 118 -3.24 0.30 -19.03
N PRO A 119 -2.39 1.02 -19.79
CA PRO A 119 -1.50 1.97 -19.14
C PRO A 119 -2.24 3.21 -18.73
N PRO A 120 -1.73 3.92 -17.73
CA PRO A 120 -2.32 5.15 -17.25
C PRO A 120 -2.12 6.32 -18.21
N SER A 121 -3.04 7.27 -18.13
CA SER A 121 -2.80 8.61 -18.66
C SER A 121 -2.30 9.38 -17.48
N VAL A 122 -1.30 10.23 -17.66
CA VAL A 122 -0.69 10.94 -16.55
C VAL A 122 -0.82 12.42 -16.78
N TYR A 123 -1.46 13.10 -15.83
CA TYR A 123 -1.72 14.54 -15.99
C TYR A 123 -1.10 15.38 -14.88
N PRO A 124 -0.44 16.49 -15.25
CA PRO A 124 0.14 17.31 -14.21
C PRO A 124 -0.92 18.11 -13.45
N LEU A 125 -0.68 18.37 -12.17
CA LEU A 125 -1.55 19.20 -11.34
C LEU A 125 -0.75 20.38 -10.83
N ALA A 126 -1.07 21.53 -11.39
CA ALA A 126 -0.40 22.76 -11.06
C ALA A 126 -1.43 23.86 -10.82
N PRO A 127 -1.08 24.85 -9.97
CA PRO A 127 -2.01 25.90 -9.60
C PRO A 127 -2.57 26.63 -10.82
N GLY A 128 -3.81 27.13 -10.72
CA GLY A 128 -4.39 27.92 -11.80
C GLY A 128 -3.73 29.29 -11.88
N CYS A 129 -4.01 30.02 -12.97
CA CYS A 129 -3.35 31.29 -13.21
C CYS A 129 -3.89 32.27 -12.18
N GLY A 130 -3.18 33.38 -11.93
CA GLY A 130 -3.56 34.34 -10.91
C GLY A 130 -2.44 34.71 -9.95
N ASP A 131 -2.72 35.62 -9.03
CA ASP A 131 -1.72 36.08 -8.07
C ASP A 131 -1.30 34.97 -7.15
N THR A 132 -0.02 35.02 -6.79
CA THR A 132 0.58 34.03 -5.94
C THR A 132 0.41 34.36 -4.46
N THR A 133 0.41 33.33 -3.59
CA THR A 133 0.63 33.56 -2.14
C THR A 133 1.16 32.33 -1.45
N GLY A 134 1.93 32.51 -0.39
CA GLY A 134 2.38 31.38 0.40
C GLY A 134 3.83 31.10 0.23
N SER A 135 4.46 30.55 1.26
CA SER A 135 5.87 30.16 1.16
C SER A 135 6.06 28.73 0.63
N SER A 136 4.96 27.97 0.54
N SER A 136 4.97 27.97 0.54
CA SER A 136 5.00 26.59 0.01
CA SER A 136 5.02 26.63 -0.04
C SER A 136 3.95 26.46 -1.09
C SER A 136 4.01 26.56 -1.17
N VAL A 137 4.22 25.59 -2.06
CA VAL A 137 3.30 25.33 -3.15
C VAL A 137 3.14 23.81 -3.28
N THR A 138 1.91 23.37 -3.45
CA THR A 138 1.60 21.96 -3.61
C THR A 138 1.26 21.69 -5.08
N LEU A 139 1.89 20.65 -5.62
CA LEU A 139 1.80 20.19 -6.98
C LEU A 139 1.37 18.74 -6.97
N GLY A 140 0.95 18.21 -8.10
CA GLY A 140 0.57 16.79 -8.15
C GLY A 140 0.62 16.19 -9.52
N CYS A 141 0.42 14.88 -9.56
CA CYS A 141 0.19 14.19 -10.82
C CYS A 141 -1.00 13.26 -10.61
N LEU A 142 -1.91 13.30 -11.58
CA LEU A 142 -3.09 12.46 -11.65
C LEU A 142 -2.77 11.33 -12.60
N VAL A 143 -2.97 10.11 -12.10
CA VAL A 143 -2.59 8.91 -12.81
C VAL A 143 -3.87 8.13 -13.04
N LYS A 144 -4.42 8.22 -14.24
CA LYS A 144 -5.79 7.84 -14.53
C LYS A 144 -5.96 6.76 -15.55
N GLY A 145 -6.85 5.82 -15.21
CA GLY A 145 -7.39 4.85 -16.16
C GLY A 145 -6.48 3.68 -16.47
N TYR A 146 -5.84 3.12 -15.46
CA TYR A 146 -4.92 2.01 -15.66
C TYR A 146 -5.43 0.72 -15.03
N PHE A 147 -4.87 -0.38 -15.51
CA PHE A 147 -5.23 -1.70 -15.00
C PHE A 147 -4.09 -2.65 -15.30
N PRO A 148 -3.70 -3.50 -14.35
CA PRO A 148 -4.09 -3.65 -12.95
C PRO A 148 -3.29 -2.69 -12.08
N GLU A 149 -3.43 -2.77 -10.76
CA GLU A 149 -2.47 -2.12 -9.86
C GLU A 149 -1.11 -2.83 -10.06
N SER A 150 0.01 -2.21 -9.70
CA SER A 150 0.15 -0.92 -9.04
C SER A 150 0.89 0.07 -9.93
N VAL A 151 0.89 1.33 -9.51
CA VAL A 151 1.77 2.33 -10.08
C VAL A 151 2.68 2.90 -8.99
N THR A 152 3.80 3.47 -9.40
CA THR A 152 4.72 4.14 -8.50
C THR A 152 4.93 5.50 -9.09
N VAL A 153 4.83 6.54 -8.26
CA VAL A 153 5.14 7.92 -8.71
C VAL A 153 6.36 8.39 -7.96
N THR A 154 7.34 8.89 -8.69
CA THR A 154 8.62 9.33 -8.15
C THR A 154 8.75 10.83 -8.49
N TRP A 155 9.14 11.66 -7.53
CA TRP A 155 9.31 13.09 -7.74
C TRP A 155 10.80 13.54 -7.78
N ASN A 156 11.12 14.31 -8.81
CA ASN A 156 12.50 14.70 -9.14
C ASN A 156 13.49 13.59 -8.79
N SER A 157 13.23 12.42 -9.38
CA SER A 157 14.07 11.25 -9.22
C SER A 157 14.31 10.88 -7.75
N GLY A 158 13.27 10.95 -6.91
CA GLY A 158 13.37 10.60 -5.49
C GLY A 158 13.90 11.73 -4.57
N SER A 159 14.26 12.87 -5.16
CA SER A 159 14.86 13.96 -4.37
C SER A 159 13.85 14.74 -3.50
N LEU A 160 12.54 14.50 -3.69
CA LEU A 160 11.48 15.21 -2.93
C LEU A 160 10.62 14.31 -2.00
N SER A 161 11.13 13.13 -1.68
CA SER A 161 10.39 12.10 -0.93
C SER A 161 9.63 12.58 0.31
N SER A 162 10.26 13.40 1.14
CA SER A 162 9.72 13.71 2.49
C SER A 162 8.35 14.39 2.44
N SER A 163 8.14 15.17 1.39
CA SER A 163 7.01 16.08 1.27
C SER A 163 5.82 15.52 0.46
N VAL A 164 5.74 14.20 0.30
CA VAL A 164 4.89 13.58 -0.71
C VAL A 164 3.74 12.80 -0.09
N HIS A 165 2.59 12.82 -0.74
CA HIS A 165 1.43 12.01 -0.36
C HIS A 165 1.05 11.15 -1.55
N THR A 166 0.82 9.87 -1.28
CA THR A 166 0.40 8.92 -2.26
C THR A 166 -1.01 8.49 -1.96
N PHE A 167 -1.95 8.83 -2.84
CA PHE A 167 -3.35 8.58 -2.57
C PHE A 167 -3.79 7.21 -3.10
N PRO A 168 -4.33 6.36 -2.24
CA PRO A 168 -4.72 5.02 -2.69
C PRO A 168 -5.63 5.02 -3.93
N ALA A 169 -5.36 4.11 -4.83
CA ALA A 169 -6.13 4.03 -6.04
C ALA A 169 -7.54 3.70 -5.81
N LEU A 170 -8.39 4.19 -6.70
CA LEU A 170 -9.81 3.82 -6.77
C LEU A 170 -10.22 3.14 -8.05
N LEU A 171 -11.10 2.17 -7.91
CA LEU A 171 -11.47 1.31 -9.02
C LEU A 171 -12.86 1.70 -9.45
N GLN A 172 -13.00 2.02 -10.74
CA GLN A 172 -14.29 2.38 -11.30
C GLN A 172 -14.34 1.86 -12.73
N SER A 173 -15.38 1.11 -13.04
CA SER A 173 -15.57 0.52 -14.36
C SER A 173 -14.29 -0.13 -14.86
N GLY A 174 -13.70 -0.97 -14.03
CA GLY A 174 -12.56 -1.78 -14.43
C GLY A 174 -11.25 -1.04 -14.54
N LEU A 175 -11.21 0.26 -14.23
CA LEU A 175 -9.95 0.99 -14.30
C LEU A 175 -9.64 1.73 -13.00
N TYR A 176 -8.36 1.83 -12.68
CA TYR A 176 -7.91 2.52 -11.48
C TYR A 176 -7.50 3.96 -11.76
N THR A 177 -7.69 4.85 -10.76
CA THR A 177 -7.16 6.19 -10.79
C THR A 177 -6.52 6.50 -9.43
N MET A 178 -5.31 7.06 -9.43
CA MET A 178 -4.65 7.49 -8.19
C MET A 178 -4.03 8.86 -8.42
N SER A 179 -3.57 9.51 -7.34
CA SER A 179 -2.86 10.78 -7.47
C SER A 179 -1.75 10.81 -6.44
N SER A 180 -0.80 11.69 -6.66
CA SER A 180 0.32 11.89 -5.78
C SER A 180 0.50 13.40 -5.66
N SER A 181 0.78 13.89 -4.49
CA SER A 181 1.07 15.32 -4.31
C SER A 181 2.48 15.48 -3.74
N VAL A 182 3.07 16.63 -3.99
CA VAL A 182 4.32 17.02 -3.35
C VAL A 182 4.20 18.49 -2.94
N THR A 183 4.81 18.88 -1.83
CA THR A 183 4.85 20.29 -1.43
C THR A 183 6.31 20.78 -1.42
N VAL A 184 6.53 21.90 -2.07
CA VAL A 184 7.88 22.44 -2.23
C VAL A 184 7.91 23.95 -1.93
N PRO A 185 9.10 24.51 -1.62
CA PRO A 185 9.13 25.96 -1.41
C PRO A 185 8.69 26.76 -2.63
N SER A 186 7.88 27.79 -2.40
CA SER A 186 7.49 28.69 -3.48
C SER A 186 8.66 29.54 -4.00
N SER A 187 9.70 29.74 -3.19
CA SER A 187 10.87 30.53 -3.64
C SER A 187 11.53 29.91 -4.89
N THR A 188 11.53 28.58 -4.95
CA THR A 188 12.17 27.85 -6.04
C THR A 188 11.23 27.08 -7.01
N TRP A 189 9.91 27.25 -6.87
CA TRP A 189 8.96 26.73 -7.88
C TRP A 189 8.01 27.88 -8.17
N PRO A 190 7.79 28.23 -9.44
CA PRO A 190 8.19 27.60 -10.69
C PRO A 190 9.57 27.99 -11.24
N SER A 191 10.38 28.72 -10.51
CA SER A 191 11.66 29.09 -11.06
C SER A 191 12.52 27.90 -11.45
N GLN A 192 12.47 26.85 -10.63
CA GLN A 192 13.10 25.54 -10.94
C GLN A 192 12.01 24.54 -11.22
N THR A 193 12.35 23.48 -11.94
CA THR A 193 11.33 22.54 -12.36
C THR A 193 11.17 21.39 -11.40
N VAL A 194 9.97 20.82 -11.47
CA VAL A 194 9.62 19.61 -10.76
C VAL A 194 8.99 18.66 -11.78
N THR A 195 9.33 17.38 -11.69
CA THR A 195 8.85 16.34 -12.60
C THR A 195 8.32 15.15 -11.82
N CYS A 196 7.17 14.63 -12.20
CA CYS A 196 6.71 13.33 -11.66
C CYS A 196 7.03 12.25 -12.68
N SER A 197 7.58 11.13 -12.22
N SER A 197 7.58 11.13 -12.22
CA SER A 197 7.76 10.00 -13.10
CA SER A 197 7.79 9.97 -13.10
C SER A 197 6.86 8.91 -12.61
C SER A 197 6.94 8.82 -12.63
N VAL A 198 6.07 8.33 -13.51
CA VAL A 198 5.06 7.32 -13.14
C VAL A 198 5.41 6.04 -13.84
N ALA A 199 5.64 5.01 -13.05
CA ALA A 199 5.90 3.67 -13.57
C ALA A 199 4.64 2.81 -13.38
N HIS A 200 4.26 2.10 -14.44
CA HIS A 200 3.20 1.08 -14.36
C HIS A 200 3.78 -0.22 -14.95
N PRO A 201 4.48 -1.02 -14.11
CA PRO A 201 5.21 -2.19 -14.55
C PRO A 201 4.39 -3.18 -15.39
N ALA A 202 3.10 -3.32 -15.09
CA ALA A 202 2.22 -4.28 -15.79
C ALA A 202 2.12 -4.02 -17.30
N SER A 203 2.14 -2.75 -17.67
CA SER A 203 2.08 -2.33 -19.06
C SER A 203 3.45 -1.94 -19.58
N SER A 204 4.46 -2.11 -18.73
CA SER A 204 5.83 -1.73 -19.07
C SER A 204 5.95 -0.25 -19.48
N THR A 205 5.25 0.64 -18.79
CA THR A 205 5.37 2.06 -19.17
C THR A 205 5.92 2.90 -18.04
N THR A 206 6.72 3.88 -18.41
CA THR A 206 7.11 4.93 -17.53
C THR A 206 6.94 6.20 -18.31
N VAL A 207 6.26 7.15 -17.69
CA VAL A 207 5.98 8.46 -18.25
C VAL A 207 6.45 9.52 -17.26
N ASP A 208 7.15 10.54 -17.78
CA ASP A 208 7.56 11.70 -17.00
C ASP A 208 6.73 12.89 -17.40
N LYS A 209 6.27 13.67 -16.42
CA LYS A 209 5.57 14.94 -16.67
C LYS A 209 6.27 16.05 -15.91
N LYS A 210 6.59 17.14 -16.63
CA LYS A 210 7.22 18.32 -16.07
C LYS A 210 6.05 19.21 -15.64
N LEU A 211 6.22 19.99 -14.59
CA LEU A 211 5.01 20.61 -14.07
C LEU A 211 4.68 22.04 -14.51
N GLU A 212 5.65 22.79 -15.01
CA GLU A 212 5.30 24.03 -15.71
C GLU A 212 4.94 23.68 -17.15
N PRO A 213 5.82 22.92 -17.81
CA PRO A 213 5.49 22.46 -19.14
C PRO A 213 4.25 21.59 -19.18
N ASP B 1 -5.22 -26.60 13.08
CA ASP B 1 -4.31 -25.41 12.96
C ASP B 1 -4.36 -24.64 14.27
N ILE B 2 -3.47 -23.68 14.42
CA ILE B 2 -3.48 -22.82 15.58
C ILE B 2 -4.04 -21.52 15.09
N VAL B 3 -5.03 -20.99 15.78
CA VAL B 3 -5.61 -19.71 15.40
C VAL B 3 -4.92 -18.63 16.21
N MET B 4 -4.49 -17.56 15.51
CA MET B 4 -3.78 -16.43 16.12
C MET B 4 -4.73 -15.26 16.06
N THR B 5 -5.04 -14.67 17.20
CA THR B 5 -6.06 -13.63 17.28
C THR B 5 -5.44 -12.35 17.85
N GLN B 6 -5.67 -11.22 17.18
CA GLN B 6 -5.31 -9.89 17.71
C GLN B 6 -6.49 -8.95 17.49
N ALA B 7 -6.56 -7.87 18.27
CA ALA B 7 -7.50 -6.75 17.96
C ALA B 7 -7.03 -6.01 16.69
N ALA B 8 -7.96 -5.52 15.87
CA ALA B 8 -7.60 -4.72 14.68
C ALA B 8 -6.95 -3.37 15.00
N PHE B 9 -7.22 -2.81 16.19
CA PHE B 9 -6.65 -1.50 16.54
C PHE B 9 -6.22 -1.52 18.02
N SER B 10 -5.19 -0.75 18.33
CA SER B 10 -4.84 -0.50 19.72
C SER B 10 -5.35 0.89 20.07
N ASN B 11 -5.29 1.29 21.34
CA ASN B 11 -5.68 2.67 21.68
C ASN B 11 -4.58 3.63 21.19
N PRO B 12 -4.96 4.84 20.76
CA PRO B 12 -3.91 5.70 20.16
C PRO B 12 -2.88 6.17 21.17
N VAL B 13 -1.60 6.16 20.78
CA VAL B 13 -0.52 6.59 21.70
C VAL B 13 0.14 7.88 21.32
N THR B 14 0.68 8.57 22.32
CA THR B 14 1.38 9.83 22.08
C THR B 14 2.84 9.52 21.77
N LEU B 15 3.38 10.31 20.87
CA LEU B 15 4.76 10.17 20.48
C LEU B 15 5.64 10.15 21.72
N GLY B 16 6.56 9.20 21.79
CA GLY B 16 7.53 9.12 22.90
C GLY B 16 7.14 8.18 24.02
N THR B 17 5.90 7.70 24.02
CA THR B 17 5.38 6.82 25.06
C THR B 17 5.36 5.38 24.56
N SER B 18 5.01 4.43 25.43
CA SER B 18 5.08 3.02 25.07
C SER B 18 3.74 2.55 24.55
N ALA B 19 3.79 1.55 23.68
CA ALA B 19 2.60 0.94 23.11
C ALA B 19 2.71 -0.56 23.33
N SER B 20 1.55 -1.20 23.43
N SER B 20 1.56 -1.23 23.41
CA SER B 20 1.47 -2.64 23.53
CA SER B 20 1.57 -2.67 23.50
C SER B 20 0.51 -3.17 22.46
C SER B 20 0.45 -3.30 22.67
N ILE B 21 0.82 -4.37 21.98
CA ILE B 21 -0.04 -5.05 21.03
C ILE B 21 -0.14 -6.47 21.52
N SER B 22 -1.37 -6.97 21.63
N SER B 22 -1.38 -6.94 21.66
CA SER B 22 -1.60 -8.24 22.25
CA SER B 22 -1.61 -8.23 22.25
C SER B 22 -1.93 -9.25 21.17
C SER B 22 -1.82 -9.23 21.11
N CYS B 23 -1.48 -10.48 21.39
CA CYS B 23 -1.73 -11.59 20.47
C CYS B 23 -2.04 -12.83 21.31
N ARG B 24 -3.05 -13.61 20.89
CA ARG B 24 -3.47 -14.86 21.55
C ARG B 24 -3.35 -16.01 20.55
N SER B 25 -2.83 -17.15 20.99
CA SER B 25 -2.96 -18.41 20.22
C SER B 25 -4.00 -19.30 20.92
N THR B 26 -4.52 -20.29 20.20
CA THR B 26 -5.44 -21.25 20.83
C THR B 26 -4.69 -22.24 21.74
N LYS B 27 -3.44 -22.47 21.34
CA LYS B 27 -2.55 -23.55 21.76
C LYS B 27 -1.23 -22.93 22.15
N SER B 28 -0.49 -23.56 23.06
CA SER B 28 0.86 -23.06 23.37
C SER B 28 1.74 -23.11 22.13
N LEU B 29 2.64 -22.13 22.01
CA LEU B 29 3.66 -22.11 20.93
C LEU B 29 5.04 -22.57 21.42
N LEU B 30 5.08 -22.99 22.66
CA LEU B 30 6.31 -23.49 23.26
C LEU B 30 6.52 -24.95 22.84
N HIS B 31 7.66 -25.21 22.20
CA HIS B 31 8.06 -26.55 21.81
C HIS B 31 8.89 -27.22 22.93
N SER B 32 9.04 -28.52 22.80
CA SER B 32 9.82 -29.34 23.75
C SER B 32 11.30 -28.98 23.85
N ASN B 33 11.80 -28.20 22.89
CA ASN B 33 13.20 -27.70 22.93
C ASN B 33 13.33 -26.37 23.66
N GLY B 34 12.22 -25.89 24.23
CA GLY B 34 12.26 -24.70 25.08
C GLY B 34 12.07 -23.37 24.36
N ILE B 35 11.91 -23.43 23.05
CA ILE B 35 11.75 -22.26 22.17
C ILE B 35 10.27 -22.05 21.84
N THR B 36 9.85 -20.78 21.86
CA THR B 36 8.47 -20.40 21.58
C THR B 36 8.47 -19.83 20.18
N TYR B 37 7.77 -20.51 19.28
CA TYR B 37 7.81 -20.18 17.87
C TYR B 37 6.76 -19.14 17.49
N LEU B 38 6.91 -17.97 18.11
CA LEU B 38 6.14 -16.78 17.82
C LEU B 38 6.99 -15.77 17.04
N TYR B 39 6.42 -15.17 16.00
CA TYR B 39 7.11 -14.10 15.34
C TYR B 39 6.16 -12.97 15.06
N TRP B 40 6.75 -11.79 14.91
CA TRP B 40 6.00 -10.55 14.68
C TRP B 40 6.54 -9.88 13.43
N TYR B 41 5.65 -9.33 12.60
CA TYR B 41 6.09 -8.50 11.47
C TYR B 41 5.25 -7.24 11.33
N LEU B 42 5.74 -6.28 10.56
CA LEU B 42 5.05 -4.99 10.42
C LEU B 42 4.77 -4.74 8.95
N GLN B 43 3.59 -4.22 8.64
CA GLN B 43 3.38 -3.67 7.31
C GLN B 43 3.05 -2.20 7.41
N LYS B 44 3.99 -1.37 6.96
CA LYS B 44 3.87 0.10 7.05
C LYS B 44 3.09 0.63 5.86
N PRO B 45 2.51 1.85 5.98
CA PRO B 45 1.78 2.34 4.80
C PRO B 45 2.67 2.39 3.53
N GLY B 46 2.30 1.60 2.52
CA GLY B 46 2.92 1.67 1.22
C GLY B 46 4.28 0.99 1.11
N GLN B 47 4.57 0.08 2.04
CA GLN B 47 5.82 -0.67 2.02
C GLN B 47 5.52 -2.17 2.07
N SER B 48 6.55 -2.99 1.95
CA SER B 48 6.40 -4.45 2.04
C SER B 48 6.58 -4.96 3.52
N PRO B 49 6.02 -6.13 3.87
CA PRO B 49 6.09 -6.57 5.28
C PRO B 49 7.50 -6.87 5.79
N GLN B 50 7.76 -6.45 7.01
CA GLN B 50 9.10 -6.39 7.57
C GLN B 50 9.12 -7.23 8.83
N LEU B 51 9.99 -8.22 8.89
CA LEU B 51 10.12 -9.03 10.12
C LEU B 51 10.65 -8.18 11.28
N LEU B 52 10.07 -8.33 12.46
CA LEU B 52 10.52 -7.61 13.65
C LEU B 52 11.26 -8.49 14.62
N ILE B 53 10.61 -9.60 14.98
CA ILE B 53 11.06 -10.48 16.04
C ILE B 53 10.68 -11.88 15.64
N TYR B 54 11.56 -12.83 15.90
CA TYR B 54 11.20 -14.25 15.76
C TYR B 54 11.64 -15.08 16.95
N GLN B 55 11.03 -16.26 17.07
CA GLN B 55 11.28 -17.15 18.23
C GLN B 55 11.10 -16.37 19.54
N MET B 56 10.05 -15.57 19.58
CA MET B 56 9.69 -14.76 20.71
C MET B 56 10.72 -13.68 21.10
N SER B 57 12.00 -14.01 21.14
CA SER B 57 13.01 -13.14 21.75
C SER B 57 14.16 -12.67 20.85
N ASN B 58 14.13 -13.00 19.57
CA ASN B 58 15.20 -12.63 18.68
C ASN B 58 14.80 -11.46 17.78
N LEU B 59 15.47 -10.34 17.92
CA LEU B 59 15.27 -9.23 17.00
C LEU B 59 15.81 -9.55 15.60
N ALA B 60 15.04 -9.17 14.58
CA ALA B 60 15.47 -9.18 13.18
C ALA B 60 16.47 -8.02 12.87
N SER B 61 17.17 -8.14 11.74
CA SER B 61 18.16 -7.16 11.33
C SER B 61 17.54 -5.81 11.09
N GLY B 62 18.17 -4.79 11.65
CA GLY B 62 17.69 -3.43 11.52
C GLY B 62 16.69 -3.02 12.59
N VAL B 63 16.21 -3.98 13.39
CA VAL B 63 15.17 -3.69 14.37
C VAL B 63 15.75 -3.23 15.73
N PRO B 64 15.37 -2.03 16.16
CA PRO B 64 15.86 -1.45 17.41
C PRO B 64 15.30 -2.19 18.64
N ASP B 65 16.09 -2.18 19.71
CA ASP B 65 15.71 -2.97 20.88
C ASP B 65 14.60 -2.36 21.75
N ARG B 66 14.07 -1.21 21.34
CA ARG B 66 12.85 -0.70 21.97
C ARG B 66 11.64 -1.56 21.59
N PHE B 67 11.80 -2.47 20.59
CA PHE B 67 10.84 -3.53 20.33
C PHE B 67 11.17 -4.77 21.13
N SER B 68 10.19 -5.29 21.88
CA SER B 68 10.36 -6.53 22.64
C SER B 68 9.09 -7.35 22.66
N SER B 69 9.25 -8.65 22.82
CA SER B 69 8.10 -9.51 22.93
C SER B 69 8.22 -10.37 24.18
N SER B 70 7.10 -10.58 24.86
CA SER B 70 7.06 -11.47 26.02
C SER B 70 5.69 -12.15 26.09
N GLY B 71 5.59 -13.13 26.97
CA GLY B 71 4.34 -13.86 27.05
C GLY B 71 4.58 -15.26 27.55
N SER B 72 3.49 -15.98 27.71
CA SER B 72 3.55 -17.38 28.04
C SER B 72 2.19 -17.96 27.79
N GLY B 73 2.17 -19.26 27.54
CA GLY B 73 0.93 -19.98 27.30
C GLY B 73 0.30 -19.42 26.06
N THR B 74 -0.99 -19.09 26.14
CA THR B 74 -1.66 -18.59 24.96
C THR B 74 -1.47 -17.10 24.70
N ASP B 75 -0.73 -16.37 25.55
CA ASP B 75 -0.85 -14.90 25.57
C ASP B 75 0.49 -14.18 25.47
N PHE B 76 0.56 -13.32 24.45
CA PHE B 76 1.79 -12.61 24.12
C PHE B 76 1.54 -11.12 23.96
N THR B 77 2.59 -10.33 24.19
CA THR B 77 2.51 -8.90 23.99
C THR B 77 3.76 -8.40 23.29
N LEU B 78 3.57 -7.63 22.21
CA LEU B 78 4.66 -6.86 21.60
C LEU B 78 4.66 -5.48 22.28
N ARG B 79 5.78 -5.09 22.85
CA ARG B 79 5.91 -3.78 23.46
C ARG B 79 6.85 -2.94 22.63
N ILE B 80 6.45 -1.70 22.39
CA ILE B 80 7.26 -0.74 21.64
C ILE B 80 7.44 0.43 22.56
N SER B 81 8.66 0.61 23.09
CA SER B 81 8.93 1.78 23.89
C SER B 81 9.29 2.99 23.02
N ARG B 82 9.06 4.17 23.57
CA ARG B 82 9.40 5.40 22.88
C ARG B 82 8.91 5.41 21.44
N VAL B 83 7.61 5.24 21.27
CA VAL B 83 7.06 5.21 19.94
C VAL B 83 7.45 6.45 19.10
N GLU B 84 7.78 6.17 17.83
CA GLU B 84 8.16 7.14 16.83
C GLU B 84 7.07 7.24 15.76
N ALA B 85 7.01 8.38 15.08
CA ALA B 85 6.02 8.57 14.01
C ALA B 85 6.09 7.45 12.97
N GLU B 86 7.31 7.02 12.66
CA GLU B 86 7.52 6.01 11.63
C GLU B 86 7.06 4.60 12.04
N ASP B 87 6.69 4.42 13.30
CA ASP B 87 6.24 3.13 13.77
C ASP B 87 4.81 2.83 13.31
N VAL B 88 4.12 3.81 12.74
CA VAL B 88 2.69 3.55 12.42
C VAL B 88 2.56 2.48 11.34
N GLY B 89 1.51 1.67 11.40
CA GLY B 89 1.35 0.60 10.46
C GLY B 89 0.58 -0.50 11.16
N VAL B 90 0.53 -1.68 10.54
CA VAL B 90 -0.23 -2.79 11.09
C VAL B 90 0.76 -3.84 11.55
N TYR B 91 0.64 -4.26 12.82
CA TYR B 91 1.57 -5.25 13.42
C TYR B 91 0.89 -6.61 13.43
N TYR B 92 1.57 -7.61 12.91
CA TYR B 92 1.01 -8.96 12.87
C TYR B 92 1.81 -9.94 13.73
N CYS B 93 1.11 -10.82 14.44
CA CYS B 93 1.75 -11.96 15.06
C CYS B 93 1.49 -13.19 14.14
N ALA B 94 2.35 -14.16 14.27
CA ALA B 94 2.27 -15.39 13.50
C ALA B 94 2.99 -16.49 14.25
N GLN B 95 2.67 -17.76 13.94
CA GLN B 95 3.43 -18.87 14.48
C GLN B 95 4.01 -19.76 13.39
N ASN B 96 5.24 -20.22 13.65
CA ASN B 96 5.86 -21.27 12.88
C ASN B 96 6.27 -22.47 13.76
N LEU B 97 5.49 -22.74 14.80
CA LEU B 97 5.69 -23.99 15.54
C LEU B 97 5.29 -25.16 14.62
N GLU B 98 4.09 -25.03 14.02
CA GLU B 98 3.48 -26.10 13.24
C GLU B 98 3.52 -25.80 11.76
N LEU B 99 3.34 -26.85 10.96
CA LEU B 99 2.78 -26.70 9.63
C LEU B 99 1.30 -27.03 9.72
N PRO B 100 0.45 -26.19 9.14
CA PRO B 100 0.81 -25.01 8.40
C PRO B 100 1.11 -23.83 9.32
N PRO B 101 1.83 -22.79 8.82
CA PRO B 101 1.98 -21.60 9.55
C PRO B 101 0.62 -20.93 9.61
N THR B 102 0.41 -20.12 10.65
CA THR B 102 -0.82 -19.34 10.77
C THR B 102 -0.49 -17.92 11.24
N PHE B 103 -1.38 -17.00 10.88
CA PHE B 103 -1.12 -15.59 11.00
C PHE B 103 -2.26 -14.87 11.70
N GLY B 104 -1.90 -13.84 12.46
CA GLY B 104 -2.92 -13.03 13.09
C GLY B 104 -3.49 -12.03 12.12
N GLY B 105 -4.62 -11.40 12.54
CA GLY B 105 -5.32 -10.44 11.70
C GLY B 105 -4.74 -9.06 11.65
N GLY B 106 -3.76 -8.77 12.51
CA GLY B 106 -3.11 -7.47 12.55
C GLY B 106 -3.76 -6.48 13.49
N THR B 107 -2.96 -5.59 14.05
CA THR B 107 -3.43 -4.51 14.92
C THR B 107 -2.78 -3.26 14.39
N LYS B 108 -3.57 -2.25 14.06
CA LYS B 108 -3.04 -0.99 13.56
C LYS B 108 -2.59 -0.13 14.75
N LEU B 109 -1.37 0.34 14.72
CA LEU B 109 -0.88 1.29 15.70
C LEU B 109 -1.23 2.70 15.24
N GLU B 110 -1.93 3.43 16.10
CA GLU B 110 -2.39 4.76 15.78
C GLU B 110 -1.72 5.75 16.70
N ILE B 111 -1.27 6.88 16.16
CA ILE B 111 -0.61 7.89 16.96
C ILE B 111 -1.57 9.04 17.21
N LYS B 112 -1.52 9.53 18.46
CA LYS B 112 -2.27 10.67 18.91
C LYS B 112 -1.34 11.87 18.77
N ARG B 113 -1.84 12.98 18.21
CA ARG B 113 -1.06 14.22 18.06
C ARG B 113 -1.96 15.46 18.13
N ALA B 114 -1.37 16.67 18.06
CA ALA B 114 -2.13 17.92 18.13
C ALA B 114 -2.99 18.10 16.88
N ASP B 115 -4.16 18.73 17.05
CA ASP B 115 -4.99 19.02 15.88
C ASP B 115 -4.24 19.85 14.86
N ALA B 116 -4.54 19.63 13.59
CA ALA B 116 -3.95 20.40 12.51
C ALA B 116 -5.01 20.64 11.44
N ALA B 117 -5.17 21.89 11.01
CA ALA B 117 -6.08 22.23 9.91
C ALA B 117 -5.52 21.69 8.60
N PRO B 118 -6.40 21.31 7.65
CA PRO B 118 -5.94 20.90 6.32
C PRO B 118 -5.38 22.07 5.54
N THR B 119 -4.36 21.75 4.75
CA THR B 119 -3.90 22.61 3.68
C THR B 119 -4.65 22.19 2.43
N VAL B 120 -5.43 23.14 1.89
CA VAL B 120 -6.32 22.84 0.76
C VAL B 120 -5.78 23.47 -0.53
N SER B 121 -5.69 22.68 -1.58
CA SER B 121 -5.17 23.14 -2.86
C SER B 121 -6.07 22.61 -3.93
N ILE B 122 -6.46 23.48 -4.85
CA ILE B 122 -7.31 23.09 -5.96
C ILE B 122 -6.56 23.27 -7.28
N PHE B 123 -6.83 22.38 -8.21
CA PHE B 123 -6.09 22.31 -9.49
C PHE B 123 -7.08 22.18 -10.63
N PRO B 124 -6.94 23.01 -11.69
CA PRO B 124 -7.77 22.83 -12.87
C PRO B 124 -7.33 21.62 -13.69
N PRO B 125 -8.19 21.22 -14.63
CA PRO B 125 -7.79 20.21 -15.59
C PRO B 125 -6.57 20.65 -16.41
N SER B 126 -5.69 19.69 -16.69
CA SER B 126 -4.55 19.92 -17.53
C SER B 126 -5.02 20.19 -18.96
N SER B 127 -4.23 20.91 -19.74
CA SER B 127 -4.55 21.12 -21.16
C SER B 127 -4.54 19.78 -21.90
N GLU B 128 -3.62 18.91 -21.50
CA GLU B 128 -3.54 17.55 -22.03
C GLU B 128 -4.83 16.76 -21.85
N GLN B 129 -5.37 16.75 -20.64
CA GLN B 129 -6.62 16.02 -20.42
C GLN B 129 -7.75 16.59 -21.31
N LEU B 130 -7.90 17.91 -21.30
CA LEU B 130 -8.95 18.57 -22.07
C LEU B 130 -8.87 18.24 -23.56
N THR B 131 -7.65 18.16 -24.10
CA THR B 131 -7.46 17.77 -25.51
C THR B 131 -8.06 16.41 -25.83
N SER B 132 -8.13 15.55 -24.83
CA SER B 132 -8.76 14.23 -24.96
C SER B 132 -10.24 14.25 -24.58
N GLY B 133 -10.79 15.43 -24.31
CA GLY B 133 -12.22 15.59 -23.99
C GLY B 133 -12.68 15.27 -22.57
N GLY B 134 -11.73 15.11 -21.64
CA GLY B 134 -12.07 14.91 -20.24
C GLY B 134 -11.66 16.11 -19.41
N ALA B 135 -12.23 16.23 -18.21
CA ALA B 135 -11.89 17.35 -17.34
C ALA B 135 -11.99 16.93 -15.88
N SER B 136 -10.84 16.64 -15.25
CA SER B 136 -10.83 16.31 -13.81
C SER B 136 -10.35 17.54 -13.04
N VAL B 137 -11.15 17.98 -12.06
CA VAL B 137 -10.77 19.04 -11.13
C VAL B 137 -10.37 18.31 -9.86
N VAL B 138 -9.17 18.57 -9.39
CA VAL B 138 -8.61 17.88 -8.23
C VAL B 138 -8.43 18.83 -7.06
N CYS B 139 -8.75 18.37 -5.86
CA CYS B 139 -8.53 19.07 -4.64
C CYS B 139 -7.77 18.19 -3.70
N PHE B 140 -6.65 18.67 -3.13
CA PHE B 140 -5.99 18.00 -2.02
C PHE B 140 -6.30 18.66 -0.70
N LEU B 141 -6.66 17.84 0.29
CA LEU B 141 -6.87 18.33 1.65
C LEU B 141 -5.81 17.66 2.46
N ASN B 142 -4.70 18.35 2.70
CA ASN B 142 -3.48 17.69 3.16
C ASN B 142 -3.08 17.99 4.62
N ASN B 143 -2.47 16.97 5.22
CA ASN B 143 -1.81 17.07 6.53
C ASN B 143 -2.67 17.59 7.65
N PHE B 144 -3.84 16.98 7.81
CA PHE B 144 -4.77 17.41 8.86
C PHE B 144 -4.87 16.38 9.98
N TYR B 145 -5.38 16.81 11.11
CA TYR B 145 -5.61 15.90 12.24
C TYR B 145 -6.65 16.55 13.12
N PRO B 146 -7.64 15.78 13.60
CA PRO B 146 -7.83 14.35 13.42
C PRO B 146 -8.38 13.95 12.05
N LYS B 147 -8.59 12.64 11.90
CA LYS B 147 -8.82 12.02 10.59
C LYS B 147 -10.14 12.36 9.95
N ASP B 148 -11.08 12.84 10.77
CA ASP B 148 -12.43 13.12 10.27
C ASP B 148 -12.41 14.42 9.50
N ILE B 149 -12.97 14.40 8.29
CA ILE B 149 -13.04 15.63 7.46
C ILE B 149 -14.18 15.47 6.45
N ASN B 150 -14.74 16.58 6.01
CA ASN B 150 -15.78 16.56 4.99
C ASN B 150 -15.34 17.44 3.80
N VAL B 151 -15.60 16.97 2.57
CA VAL B 151 -15.35 17.78 1.39
C VAL B 151 -16.63 17.97 0.60
N LYS B 152 -16.85 19.17 0.08
CA LYS B 152 -18.00 19.48 -0.74
C LYS B 152 -17.52 20.19 -1.97
N TRP B 153 -18.14 19.90 -3.12
CA TRP B 153 -17.82 20.62 -4.34
C TRP B 153 -19.00 21.49 -4.70
N LYS B 154 -18.71 22.67 -5.22
CA LYS B 154 -19.75 23.54 -5.78
C LYS B 154 -19.32 23.98 -7.17
N ILE B 155 -20.28 24.00 -8.09
CA ILE B 155 -20.05 24.51 -9.44
C ILE B 155 -21.01 25.70 -9.57
N ASP B 156 -20.47 26.90 -9.71
CA ASP B 156 -21.23 28.13 -9.67
C ASP B 156 -22.11 28.27 -8.41
N GLY B 157 -21.58 27.87 -7.25
CA GLY B 157 -22.29 28.06 -5.98
C GLY B 157 -23.36 27.01 -5.65
N SER B 158 -23.48 26.01 -6.52
CA SER B 158 -24.46 24.94 -6.37
C SER B 158 -23.76 23.60 -6.15
N GLU B 159 -24.15 22.90 -5.08
CA GLU B 159 -23.48 21.67 -4.67
C GLU B 159 -23.52 20.63 -5.77
N ARG B 160 -22.40 19.91 -5.94
CA ARG B 160 -22.23 18.89 -6.95
C ARG B 160 -21.77 17.60 -6.29
N GLN B 161 -22.55 16.54 -6.45
CA GLN B 161 -22.19 15.23 -5.95
C GLN B 161 -21.83 14.24 -7.05
N ASN B 162 -22.47 14.36 -8.21
CA ASN B 162 -22.24 13.46 -9.34
C ASN B 162 -20.83 13.63 -9.95
N GLY B 163 -20.05 12.56 -9.97
CA GLY B 163 -18.75 12.57 -10.64
C GLY B 163 -17.59 12.82 -9.69
N VAL B 164 -17.91 12.89 -8.39
CA VAL B 164 -16.90 13.13 -7.37
C VAL B 164 -16.49 11.79 -6.80
N LEU B 165 -15.18 11.57 -6.70
CA LEU B 165 -14.61 10.39 -6.09
C LEU B 165 -13.49 10.82 -5.11
N ASN B 166 -13.48 10.22 -3.92
CA ASN B 166 -12.57 10.60 -2.84
C ASN B 166 -11.65 9.46 -2.43
N SER B 167 -10.42 9.80 -2.07
CA SER B 167 -9.41 8.82 -1.59
C SER B 167 -8.74 9.38 -0.34
N TRP B 168 -8.52 8.53 0.65
CA TRP B 168 -7.99 8.97 1.91
C TRP B 168 -6.72 8.17 2.19
N THR B 169 -5.67 8.83 2.66
CA THR B 169 -4.43 8.14 3.07
C THR B 169 -4.55 7.53 4.49
N ASP B 170 -3.69 6.57 4.77
CA ASP B 170 -3.44 6.10 6.12
C ASP B 170 -2.63 7.20 6.85
N GLN B 171 -2.48 7.04 8.16
CA GLN B 171 -1.75 8.00 8.98
C GLN B 171 -0.32 8.17 8.47
N ASP B 172 0.13 9.44 8.35
CA ASP B 172 1.42 9.75 7.75
C ASP B 172 2.57 9.29 8.62
N SER B 173 3.55 8.60 8.01
CA SER B 173 4.70 8.09 8.74
C SER B 173 5.64 9.17 9.27
N LYS B 174 5.53 10.38 8.76
CA LYS B 174 6.44 11.47 9.17
C LYS B 174 5.85 12.41 10.22
N ASP B 175 4.61 12.85 10.01
CA ASP B 175 4.00 13.79 10.94
C ASP B 175 2.69 13.37 11.57
N SER B 176 2.30 12.13 11.33
CA SER B 176 1.14 11.52 12.00
C SER B 176 -0.18 12.19 11.64
N THR B 177 -0.20 12.94 10.54
CA THR B 177 -1.46 13.52 10.02
C THR B 177 -2.09 12.61 8.93
N TYR B 178 -3.20 13.08 8.38
CA TYR B 178 -4.02 12.38 7.40
C TYR B 178 -4.16 13.32 6.23
N SER B 179 -4.36 12.77 5.03
CA SER B 179 -4.65 13.59 3.86
C SER B 179 -5.74 12.93 3.04
N MET B 180 -6.26 13.68 2.09
CA MET B 180 -7.33 13.21 1.25
C MET B 180 -7.26 13.90 -0.11
N SER B 181 -7.65 13.18 -1.15
CA SER B 181 -7.79 13.76 -2.49
C SER B 181 -9.24 13.62 -2.89
N SER B 182 -9.78 14.64 -3.55
CA SER B 182 -11.15 14.59 -4.05
C SER B 182 -11.08 15.03 -5.50
N THR B 183 -11.62 14.24 -6.41
CA THR B 183 -11.55 14.57 -7.81
C THR B 183 -12.94 14.63 -8.39
N LEU B 184 -13.28 15.77 -8.96
CA LEU B 184 -14.50 15.95 -9.74
C LEU B 184 -14.22 15.75 -11.22
N THR B 185 -14.82 14.75 -11.83
CA THR B 185 -14.57 14.46 -13.23
C THR B 185 -15.81 14.71 -14.05
N LEU B 186 -15.65 15.49 -15.11
CA LEU B 186 -16.70 15.85 -16.05
C LEU B 186 -16.19 15.64 -17.47
N THR B 187 -17.08 15.77 -18.45
CA THR B 187 -16.63 15.86 -19.82
C THR B 187 -16.12 17.30 -20.05
N LYS B 188 -15.29 17.47 -21.07
CA LYS B 188 -14.79 18.79 -21.43
C LYS B 188 -15.95 19.74 -21.67
N ASP B 189 -17.01 19.22 -22.31
CA ASP B 189 -18.18 20.03 -22.67
C ASP B 189 -18.93 20.54 -21.43
N GLU B 190 -19.10 19.68 -20.42
CA GLU B 190 -19.73 20.09 -19.16
C GLU B 190 -18.88 21.12 -18.44
N TYR B 191 -17.58 20.85 -18.39
CA TYR B 191 -16.64 21.70 -17.69
C TYR B 191 -16.72 23.10 -18.24
N GLU B 192 -16.77 23.19 -19.56
CA GLU B 192 -16.76 24.47 -20.23
C GLU B 192 -18.11 25.20 -20.24
N ARG B 193 -19.07 24.76 -19.42
CA ARG B 193 -20.35 25.47 -19.27
C ARG B 193 -20.43 26.32 -18.01
N HIS B 194 -19.47 26.16 -17.10
CA HIS B 194 -19.45 26.90 -15.84
C HIS B 194 -18.12 27.58 -15.73
N ASN B 195 -17.95 28.48 -14.76
CA ASN B 195 -16.64 29.09 -14.58
C ASN B 195 -16.02 28.87 -13.20
N SER B 196 -16.83 28.96 -12.16
CA SER B 196 -16.38 28.77 -10.78
C SER B 196 -16.46 27.31 -10.33
N TYR B 197 -15.31 26.75 -9.98
CA TYR B 197 -15.23 25.42 -9.41
C TYR B 197 -14.65 25.56 -8.01
N THR B 198 -15.34 24.99 -7.02
CA THR B 198 -15.05 25.26 -5.61
C THR B 198 -14.93 23.97 -4.83
N CYS B 199 -13.83 23.82 -4.10
CA CYS B 199 -13.60 22.74 -3.16
C CYS B 199 -13.66 23.30 -1.75
N GLU B 200 -14.51 22.77 -0.90
CA GLU B 200 -14.56 23.27 0.48
C GLU B 200 -14.42 22.16 1.50
N ALA B 201 -13.54 22.40 2.48
CA ALA B 201 -13.16 21.41 3.50
C ALA B 201 -13.72 21.85 4.83
N THR B 202 -14.35 20.92 5.53
CA THR B 202 -14.92 21.20 6.84
C THR B 202 -14.23 20.23 7.80
N HIS B 203 -13.59 20.80 8.80
CA HIS B 203 -12.77 20.07 9.75
C HIS B 203 -12.96 20.71 11.12
N LYS B 204 -12.75 19.93 12.18
CA LYS B 204 -13.03 20.37 13.55
C LYS B 204 -12.22 21.58 14.01
N THR B 205 -11.12 21.82 13.29
CA THR B 205 -10.21 22.93 13.59
C THR B 205 -10.82 24.30 13.30
N SER B 206 -11.95 24.33 12.61
CA SER B 206 -12.68 25.56 12.44
C SER B 206 -14.14 25.37 12.14
N THR B 207 -14.92 26.34 12.61
CA THR B 207 -16.33 26.42 12.28
C THR B 207 -16.56 26.75 10.79
N SER B 208 -15.62 27.44 10.15
CA SER B 208 -15.84 27.88 8.79
C SER B 208 -15.11 26.92 7.90
N PRO B 209 -15.75 26.53 6.78
CA PRO B 209 -15.00 25.69 5.89
C PRO B 209 -13.91 26.48 5.19
N ILE B 210 -12.82 25.77 4.88
CA ILE B 210 -11.74 26.29 4.07
C ILE B 210 -12.15 26.12 2.64
N VAL B 211 -12.11 27.21 1.90
CA VAL B 211 -12.65 27.24 0.54
C VAL B 211 -11.52 27.59 -0.42
N LYS B 212 -11.34 26.76 -1.43
CA LYS B 212 -10.49 27.11 -2.54
C LYS B 212 -11.27 26.99 -3.82
N SER B 213 -11.03 27.92 -4.73
CA SER B 213 -11.68 27.95 -6.02
C SER B 213 -10.72 28.42 -7.08
N PHE B 214 -11.06 28.13 -8.32
CA PHE B 214 -10.47 28.89 -9.42
C PHE B 214 -11.59 29.27 -10.35
N ASN B 215 -11.30 30.22 -11.22
CA ASN B 215 -12.27 30.66 -12.17
C ASN B 215 -11.69 30.34 -13.54
N ARG B 216 -12.44 29.57 -14.32
CA ARG B 216 -11.98 29.10 -15.66
C ARG B 216 -11.76 30.29 -16.64
N ASN B 217 -12.51 31.35 -16.46
CA ASN B 217 -12.44 32.49 -17.38
C ASN B 217 -11.64 33.66 -16.86
N GLU B 218 -11.10 33.56 -15.64
CA GLU B 218 -10.34 34.68 -15.06
C GLU B 218 -9.09 34.95 -15.87
N CYS B 219 -8.51 33.88 -16.40
CA CYS B 219 -7.29 33.97 -17.16
C CYS B 219 -7.10 32.67 -17.93
C1 GOL C . -1.05 2.85 -6.37
O1 GOL C . -0.84 1.64 -7.09
C2 GOL C . -1.62 2.61 -4.96
O2 GOL C . -3.04 2.43 -4.93
C3 GOL C . -1.27 3.84 -4.10
O3 GOL C . -1.54 3.64 -2.73
#